data_1SPA
#
_entry.id   1SPA
#
_cell.length_a   154.800
_cell.length_b   86.200
_cell.length_c   79.100
_cell.angle_alpha   90.00
_cell.angle_beta   90.00
_cell.angle_gamma   90.00
#
_symmetry.space_group_name_H-M   'C 2 2 21'
#
loop_
_entity.id
_entity.type
_entity.pdbx_description
1 polymer 'ASPARTATE AMINOTRANSFERASE'
2 non-polymer N-METHYL-4-DEOXY-4-AMINO-PYRIDOXAL-5-PHOSPHATE
3 water water
#
_entity_poly.entity_id   1
_entity_poly.type   'polypeptide(L)'
_entity_poly.pdbx_seq_one_letter_code
;MFENITAAPADPILGLADLFRADERPGKINLGIGVYKDETGKTPVLTSVKKAEQYLLENETTKNYLGIDGIPEFGRCTQE
LLFGKGSALINDKRARTAQTPGGTGALRVAADFLAKNTSVKRVWVSNPSWPNHKSVFNSAGLEVREYAYYDAENHTLDFD
ALINSLNEAQAGDVVLFHGCCHNPTGIDPTLEQWQTLAQLSVEKGWLPLFAFAYQGFARGLEEDAEGLRAFAAMHKELIV
ASSYSKNFGLYNERVGACTLVAADSETVDRAFSQMKAAIRANYSNPPAHGASVVATILSNDALRAIWEQELTDMRQRIQR
MRQLFVNTLQEKGANRDFSFIIKQNGMFSFSGLTKEQVLRLREEFGVYAVASGRVNVAGMTPDNMAPLCEAIVAVL
;
_entity_poly.pdbx_strand_id   A
#
loop_
_chem_comp.id
_chem_comp.type
_chem_comp.name
_chem_comp.formula
NPL non-polymer N-METHYL-4-DEOXY-4-AMINO-PYRIDOXAL-5-PHOSPHATE 'C9 H16 N2 O5 P 1'
#
# COMPACT_ATOMS: atom_id res chain seq x y z
N MET A 1 8.31 18.92 -30.77
CA MET A 1 9.63 18.43 -31.03
C MET A 1 10.17 18.12 -29.65
N PHE A 2 11.09 17.18 -29.58
CA PHE A 2 11.54 16.59 -28.34
C PHE A 2 13.04 16.77 -28.10
N GLU A 3 13.82 17.52 -28.90
CA GLU A 3 15.26 17.51 -28.67
C GLU A 3 15.66 18.16 -27.37
N ASN A 4 14.93 19.13 -26.81
CA ASN A 4 15.41 19.55 -25.52
C ASN A 4 14.49 19.03 -24.45
N ILE A 5 14.09 17.75 -24.55
CA ILE A 5 13.35 17.16 -23.47
C ILE A 5 14.42 16.69 -22.52
N THR A 6 14.18 17.14 -21.31
CA THR A 6 14.97 16.80 -20.16
C THR A 6 14.69 15.36 -19.75
N ALA A 7 15.72 14.60 -19.43
CA ALA A 7 15.54 13.25 -18.95
C ALA A 7 14.85 13.27 -17.60
N ALA A 8 14.14 12.18 -17.35
CA ALA A 8 13.46 11.98 -16.10
C ALA A 8 14.56 11.56 -15.13
N PRO A 9 14.47 12.06 -13.89
CA PRO A 9 15.34 11.67 -12.80
C PRO A 9 15.30 10.18 -12.47
N ALA A 10 16.16 9.80 -11.56
CA ALA A 10 16.17 8.43 -11.10
C ALA A 10 15.06 8.33 -10.08
N ASP A 11 14.29 7.25 -10.14
CA ASP A 11 13.29 7.01 -9.11
C ASP A 11 14.00 6.07 -8.13
N PRO A 12 13.98 6.27 -6.79
CA PRO A 12 14.79 5.53 -5.79
C PRO A 12 14.94 4.01 -5.96
N ILE A 13 13.88 3.26 -5.63
CA ILE A 13 13.85 1.80 -5.76
C ILE A 13 14.25 1.29 -7.17
N LEU A 14 13.71 1.90 -8.22
CA LEU A 14 13.96 1.49 -9.59
C LEU A 14 15.47 1.41 -9.89
N GLY A 15 16.18 2.50 -9.59
CA GLY A 15 17.60 2.59 -9.91
C GLY A 15 18.45 1.58 -9.18
N LEU A 16 18.05 1.38 -7.92
CA LEU A 16 18.74 0.47 -7.04
C LEU A 16 18.66 -0.93 -7.60
N ALA A 17 17.51 -1.26 -8.15
CA ALA A 17 17.28 -2.56 -8.69
C ALA A 17 18.33 -2.95 -9.71
N ASP A 18 18.57 -2.18 -10.76
CA ASP A 18 19.58 -2.65 -11.70
C ASP A 18 21.00 -2.41 -11.24
N LEU A 19 21.17 -1.54 -10.27
CA LEU A 19 22.48 -1.39 -9.65
C LEU A 19 22.79 -2.69 -8.91
N PHE A 20 21.72 -3.31 -8.41
CA PHE A 20 21.81 -4.60 -7.76
C PHE A 20 22.20 -5.56 -8.83
N ARG A 21 21.46 -5.58 -9.93
CA ARG A 21 21.77 -6.52 -10.98
C ARG A 21 22.74 -5.95 -12.00
N ALA A 22 23.92 -5.95 -11.39
CA ALA A 22 25.22 -5.60 -11.91
C ALA A 22 26.26 -6.14 -10.93
N ASP A 23 25.85 -6.57 -9.72
CA ASP A 23 26.80 -7.02 -8.74
C ASP A 23 27.14 -8.51 -8.85
N GLU A 24 28.26 -8.59 -9.52
CA GLU A 24 29.00 -9.81 -9.78
C GLU A 24 29.17 -10.73 -8.56
N ARG A 25 28.86 -10.30 -7.34
CA ARG A 25 29.09 -11.12 -6.18
C ARG A 25 27.76 -11.69 -5.75
N PRO A 26 27.43 -12.97 -5.90
CA PRO A 26 26.09 -13.53 -5.59
C PRO A 26 25.81 -13.69 -4.10
N GLY A 27 26.63 -13.09 -3.21
CA GLY A 27 26.37 -13.08 -1.76
C GLY A 27 25.41 -11.95 -1.34
N LYS A 28 25.23 -11.08 -2.36
CA LYS A 28 24.42 -9.89 -2.37
C LYS A 28 22.98 -10.14 -1.98
N ILE A 29 22.38 -9.12 -1.37
CA ILE A 29 21.06 -9.19 -0.80
C ILE A 29 20.31 -7.97 -1.29
N ASN A 30 19.17 -8.05 -1.97
CA ASN A 30 18.48 -6.82 -2.35
C ASN A 30 17.38 -6.57 -1.33
N LEU A 31 17.58 -5.73 -0.32
CA LEU A 31 16.51 -5.40 0.58
C LEU A 31 15.71 -4.20 0.10
N GLY A 32 16.00 -3.69 -1.09
CA GLY A 32 15.26 -2.54 -1.55
C GLY A 32 14.03 -2.91 -2.34
N ILE A 33 13.66 -4.19 -2.43
CA ILE A 33 12.62 -4.64 -3.34
C ILE A 33 11.20 -4.18 -3.31
N GLY A 34 10.58 -3.91 -2.20
CA GLY A 34 9.18 -3.54 -2.39
C GLY A 34 8.15 -4.61 -2.76
N VAL A 35 8.45 -5.84 -3.14
CA VAL A 35 7.46 -6.87 -3.50
C VAL A 35 7.63 -7.96 -2.46
N TYR A 36 6.68 -8.82 -2.14
CA TYR A 36 6.97 -9.91 -1.23
C TYR A 36 7.85 -11.00 -1.87
N LYS A 37 8.69 -11.67 -1.08
CA LYS A 37 9.48 -12.79 -1.54
C LYS A 37 9.32 -13.94 -0.56
N ASP A 38 9.35 -15.22 -0.94
CA ASP A 38 9.26 -16.27 0.06
C ASP A 38 10.61 -16.65 0.59
N GLU A 39 10.73 -17.71 1.40
CA GLU A 39 12.01 -18.17 1.95
C GLU A 39 13.04 -18.61 0.89
N THR A 40 12.61 -18.74 -0.36
CA THR A 40 13.45 -19.04 -1.52
C THR A 40 14.05 -17.81 -2.17
N GLY A 41 13.44 -16.67 -1.85
CA GLY A 41 13.82 -15.45 -2.48
C GLY A 41 13.06 -15.36 -3.78
N LYS A 42 11.80 -15.77 -3.86
CA LYS A 42 11.11 -15.70 -5.11
C LYS A 42 9.73 -15.14 -4.89
N THR A 43 9.12 -14.52 -5.89
CA THR A 43 7.79 -13.99 -5.74
C THR A 43 6.86 -14.91 -6.48
N PRO A 44 6.34 -15.97 -5.85
CA PRO A 44 5.56 -17.01 -6.51
C PRO A 44 4.17 -16.53 -6.93
N VAL A 45 3.46 -17.20 -7.80
CA VAL A 45 2.11 -16.81 -8.09
C VAL A 45 1.35 -17.80 -7.20
N LEU A 46 0.41 -17.28 -6.41
CA LEU A 46 -0.29 -18.04 -5.40
C LEU A 46 -0.95 -19.25 -5.99
N THR A 47 -1.06 -20.36 -5.26
CA THR A 47 -1.81 -21.50 -5.72
C THR A 47 -3.23 -21.13 -5.99
N SER A 48 -3.90 -20.41 -5.11
CA SER A 48 -5.26 -20.01 -5.33
C SER A 48 -5.40 -19.24 -6.62
N VAL A 49 -4.42 -18.41 -7.04
CA VAL A 49 -4.71 -17.61 -8.20
C VAL A 49 -4.40 -18.53 -9.36
N LYS A 50 -3.43 -19.42 -9.31
CA LYS A 50 -3.25 -20.42 -10.38
C LYS A 50 -4.52 -21.23 -10.61
N LYS A 51 -5.18 -21.63 -9.52
CA LYS A 51 -6.44 -22.34 -9.63
C LYS A 51 -7.46 -21.45 -10.26
N ALA A 52 -7.53 -20.19 -9.85
CA ALA A 52 -8.53 -19.30 -10.39
C ALA A 52 -8.19 -19.06 -11.84
N GLU A 53 -6.97 -18.96 -12.32
CA GLU A 53 -6.68 -18.81 -13.74
C GLU A 53 -6.95 -20.10 -14.57
N GLN A 54 -6.80 -21.36 -14.07
CA GLN A 54 -7.16 -22.50 -14.88
C GLN A 54 -8.65 -22.41 -15.02
N TYR A 55 -9.34 -22.03 -13.96
CA TYR A 55 -10.77 -21.88 -14.06
C TYR A 55 -11.20 -20.87 -15.12
N LEU A 56 -10.56 -19.71 -15.23
CA LEU A 56 -10.98 -18.65 -16.17
C LEU A 56 -10.61 -19.10 -17.53
N LEU A 57 -9.48 -19.77 -17.68
CA LEU A 57 -9.11 -20.27 -18.98
C LEU A 57 -10.16 -21.24 -19.45
N GLU A 58 -10.76 -22.00 -18.53
CA GLU A 58 -11.78 -22.96 -18.89
C GLU A 58 -13.08 -22.31 -19.17
N ASN A 59 -13.42 -21.29 -18.41
CA ASN A 59 -14.70 -20.67 -18.55
C ASN A 59 -14.79 -19.37 -19.32
N GLU A 60 -13.79 -18.56 -19.66
CA GLU A 60 -14.10 -17.34 -20.39
C GLU A 60 -14.52 -17.65 -21.80
N THR A 61 -15.59 -17.01 -22.23
CA THR A 61 -16.09 -17.11 -23.59
C THR A 61 -15.90 -15.84 -24.39
N THR A 62 -15.51 -14.71 -23.82
CA THR A 62 -15.42 -13.47 -24.56
C THR A 62 -14.37 -12.72 -23.83
N LYS A 63 -13.65 -11.83 -24.50
CA LYS A 63 -12.78 -10.89 -23.83
C LYS A 63 -13.41 -9.55 -24.10
N ASN A 64 -14.71 -9.47 -24.29
CA ASN A 64 -15.36 -8.21 -24.51
C ASN A 64 -15.20 -7.30 -23.30
N TYR A 65 -15.20 -6.02 -23.52
CA TYR A 65 -14.96 -5.01 -22.50
C TYR A 65 -15.79 -5.12 -21.25
N LEU A 66 -15.14 -4.80 -20.14
CA LEU A 66 -15.85 -4.64 -18.91
C LEU A 66 -16.41 -3.21 -19.01
N GLY A 67 -17.34 -2.92 -18.10
CA GLY A 67 -17.89 -1.60 -17.90
C GLY A 67 -16.75 -0.80 -17.32
N ILE A 68 -16.80 0.54 -17.38
CA ILE A 68 -15.77 1.45 -16.84
C ILE A 68 -15.33 1.12 -15.40
N ASP A 69 -16.29 0.72 -14.61
CA ASP A 69 -16.02 0.35 -13.24
C ASP A 69 -15.64 -1.11 -12.98
N GLY A 70 -15.62 -1.92 -14.03
CA GLY A 70 -15.08 -3.27 -13.92
C GLY A 70 -16.05 -4.37 -13.55
N ILE A 71 -15.57 -5.52 -13.09
CA ILE A 71 -16.49 -6.61 -12.94
C ILE A 71 -17.19 -6.39 -11.60
N PRO A 72 -18.51 -6.43 -11.55
CA PRO A 72 -19.30 -6.04 -10.39
C PRO A 72 -18.99 -6.88 -9.19
N GLU A 73 -18.86 -8.20 -9.33
CA GLU A 73 -18.57 -9.06 -8.22
C GLU A 73 -17.28 -8.62 -7.57
N PHE A 74 -16.36 -8.15 -8.39
CA PHE A 74 -15.12 -7.66 -7.86
C PHE A 74 -15.39 -6.43 -6.96
N GLY A 75 -16.19 -5.48 -7.43
CA GLY A 75 -16.55 -4.33 -6.65
C GLY A 75 -17.20 -4.69 -5.33
N ARG A 76 -18.18 -5.56 -5.38
CA ARG A 76 -18.90 -5.99 -4.20
C ARG A 76 -17.95 -6.67 -3.20
N CYS A 77 -16.99 -7.46 -3.69
CA CYS A 77 -16.10 -8.17 -2.80
C CYS A 77 -15.13 -7.19 -2.22
N THR A 78 -14.68 -6.13 -2.94
CA THR A 78 -13.71 -5.27 -2.32
C THR A 78 -14.41 -4.46 -1.24
N GLN A 79 -15.67 -4.11 -1.42
CA GLN A 79 -16.43 -3.45 -0.39
C GLN A 79 -16.64 -4.26 0.86
N GLU A 80 -16.93 -5.56 0.80
CA GLU A 80 -16.99 -6.35 1.99
C GLU A 80 -15.66 -6.43 2.63
N LEU A 81 -14.59 -6.64 1.89
CA LEU A 81 -13.30 -6.69 2.50
C LEU A 81 -12.99 -5.37 3.16
N LEU A 82 -13.34 -4.26 2.56
CA LEU A 82 -12.94 -2.98 3.12
C LEU A 82 -13.74 -2.55 4.31
N PHE A 83 -15.06 -2.61 4.15
CA PHE A 83 -16.04 -2.11 5.09
C PHE A 83 -16.67 -3.12 6.01
N GLY A 84 -16.40 -4.38 5.78
CA GLY A 84 -16.97 -5.40 6.61
C GLY A 84 -18.26 -5.83 5.96
N LYS A 85 -18.46 -7.12 6.13
CA LYS A 85 -19.55 -7.83 5.52
C LYS A 85 -20.95 -7.30 5.84
N GLY A 86 -21.23 -6.70 7.00
CA GLY A 86 -22.57 -6.16 7.20
C GLY A 86 -22.62 -4.63 7.25
N SER A 87 -21.61 -3.97 6.71
CA SER A 87 -21.54 -2.55 6.82
C SER A 87 -22.75 -1.88 6.25
N ALA A 88 -23.14 -0.92 7.07
CA ALA A 88 -24.22 -0.04 6.73
C ALA A 88 -23.83 0.69 5.47
N LEU A 89 -22.54 0.98 5.31
CA LEU A 89 -22.04 1.62 4.12
C LEU A 89 -22.50 0.86 2.91
N ILE A 90 -22.44 -0.48 2.97
CA ILE A 90 -22.84 -1.33 1.87
C ILE A 90 -24.34 -1.43 1.84
N ASN A 91 -25.01 -1.60 2.99
CA ASN A 91 -26.45 -1.74 2.95
C ASN A 91 -27.20 -0.51 2.52
N ASP A 92 -26.70 0.65 2.86
CA ASP A 92 -27.34 1.89 2.46
C ASP A 92 -26.92 2.30 1.09
N LYS A 93 -25.99 1.50 0.58
CA LYS A 93 -25.45 1.66 -0.73
C LYS A 93 -24.93 3.09 -0.97
N ARG A 94 -24.08 3.46 -0.02
CA ARG A 94 -23.42 4.73 -0.03
C ARG A 94 -22.06 4.57 -0.64
N ALA A 95 -21.61 3.39 -1.08
CA ALA A 95 -20.25 3.23 -1.59
C ALA A 95 -20.28 2.76 -3.02
N ARG A 96 -19.36 3.17 -3.87
CA ARG A 96 -19.27 2.70 -5.24
C ARG A 96 -17.84 2.40 -5.55
N THR A 97 -17.57 1.24 -6.12
CA THR A 97 -16.21 0.82 -6.41
C THR A 97 -15.94 0.73 -7.91
N ALA A 98 -14.80 1.28 -8.36
CA ALA A 98 -14.36 1.16 -9.72
C ALA A 98 -13.11 0.33 -9.62
N GLN A 99 -13.12 -0.81 -10.31
CA GLN A 99 -11.94 -1.62 -10.52
C GLN A 99 -10.92 -0.78 -11.29
N THR A 100 -9.65 -0.70 -10.94
CA THR A 100 -8.75 0.19 -11.62
C THR A 100 -7.47 -0.57 -11.84
N PRO A 101 -6.55 -0.09 -12.66
CA PRO A 101 -5.22 -0.64 -12.85
C PRO A 101 -4.31 -0.47 -11.66
N GLY A 102 -4.50 -1.25 -10.62
CA GLY A 102 -3.61 -1.19 -9.50
C GLY A 102 -4.16 -0.22 -8.48
N GLY A 103 -3.60 -0.27 -7.30
CA GLY A 103 -3.82 0.74 -6.30
C GLY A 103 -3.25 2.08 -6.79
N THR A 104 -2.15 2.19 -7.57
CA THR A 104 -1.73 3.50 -8.09
C THR A 104 -2.75 4.06 -9.05
N GLY A 105 -3.35 3.23 -9.90
CA GLY A 105 -4.33 3.69 -10.84
C GLY A 105 -5.50 4.19 -10.07
N ALA A 106 -5.87 3.58 -8.95
CA ALA A 106 -6.97 4.08 -8.13
C ALA A 106 -6.64 5.47 -7.57
N LEU A 107 -5.44 5.69 -7.03
CA LEU A 107 -5.01 7.01 -6.58
C LEU A 107 -5.04 7.95 -7.78
N ARG A 108 -4.52 7.71 -8.98
CA ARG A 108 -4.65 8.64 -10.08
C ARG A 108 -6.06 8.91 -10.46
N VAL A 109 -7.01 7.97 -10.49
CA VAL A 109 -8.36 8.38 -10.85
C VAL A 109 -9.06 9.03 -9.63
N ALA A 110 -8.64 8.88 -8.36
CA ALA A 110 -9.26 9.60 -7.26
C ALA A 110 -8.77 11.02 -7.52
N ALA A 111 -7.46 11.18 -7.73
CA ALA A 111 -6.76 12.41 -8.04
C ALA A 111 -7.42 13.20 -9.15
N ASP A 112 -7.67 12.65 -10.33
CA ASP A 112 -8.33 13.38 -11.37
C ASP A 112 -9.77 13.66 -11.05
N PHE A 113 -10.42 12.76 -10.38
CA PHE A 113 -11.82 12.95 -10.14
C PHE A 113 -11.98 14.18 -9.29
N LEU A 114 -11.17 14.25 -8.27
CA LEU A 114 -11.19 15.26 -7.26
C LEU A 114 -10.68 16.52 -7.94
N ALA A 115 -9.64 16.47 -8.76
CA ALA A 115 -9.11 17.68 -9.32
C ALA A 115 -10.06 18.41 -10.20
N LYS A 116 -10.90 17.66 -10.92
CA LYS A 116 -11.79 18.28 -11.87
C LYS A 116 -13.20 18.37 -11.36
N ASN A 117 -13.60 17.71 -10.27
CA ASN A 117 -14.98 17.75 -9.86
C ASN A 117 -15.18 18.38 -8.52
N THR A 118 -14.14 18.78 -7.81
CA THR A 118 -14.34 19.41 -6.53
C THR A 118 -13.41 20.62 -6.38
N SER A 119 -13.61 21.22 -5.23
CA SER A 119 -12.84 22.33 -4.73
C SER A 119 -11.48 21.91 -4.18
N VAL A 120 -11.01 20.64 -4.17
CA VAL A 120 -9.76 20.36 -3.47
C VAL A 120 -8.64 20.56 -4.41
N LYS A 121 -7.72 21.21 -3.71
CA LYS A 121 -6.46 21.65 -4.25
C LYS A 121 -5.27 21.12 -3.48
N ARG A 122 -5.38 20.69 -2.23
CA ARG A 122 -4.23 20.30 -1.42
C ARG A 122 -4.45 18.88 -1.01
N VAL A 123 -3.43 18.06 -0.97
CA VAL A 123 -3.59 16.71 -0.46
C VAL A 123 -2.47 16.58 0.54
N TRP A 124 -2.77 16.14 1.74
CA TRP A 124 -1.80 16.03 2.80
C TRP A 124 -1.32 14.59 2.82
N VAL A 125 -0.02 14.37 2.70
CA VAL A 125 0.61 13.06 2.57
C VAL A 125 1.55 12.96 3.75
N SER A 126 1.76 11.83 4.41
CA SER A 126 2.63 11.76 5.56
C SER A 126 4.04 12.02 5.22
N ASN A 127 4.80 12.39 6.23
CA ASN A 127 6.21 12.52 6.02
C ASN A 127 6.82 11.44 6.87
N PRO A 128 7.42 10.42 6.25
CA PRO A 128 7.39 10.16 4.80
C PRO A 128 6.23 9.28 4.34
N SER A 129 6.10 9.13 3.04
CA SER A 129 5.03 8.33 2.48
C SER A 129 5.70 7.57 1.36
N TRP A 130 4.92 6.68 0.72
CA TRP A 130 5.38 6.04 -0.51
C TRP A 130 5.52 7.27 -1.47
N PRO A 131 6.70 7.49 -2.06
CA PRO A 131 6.99 8.63 -2.92
C PRO A 131 6.12 8.75 -4.16
N ASN A 132 5.60 7.66 -4.73
CA ASN A 132 4.80 7.87 -5.91
C ASN A 132 3.47 8.54 -5.62
N HIS A 133 2.97 8.63 -4.38
CA HIS A 133 1.73 9.33 -4.13
C HIS A 133 1.84 10.79 -4.63
N LYS A 134 2.87 11.54 -4.22
CA LYS A 134 3.12 12.90 -4.63
C LYS A 134 2.97 13.11 -6.10
N SER A 135 3.67 12.29 -6.88
CA SER A 135 3.67 12.36 -8.32
C SER A 135 2.31 12.16 -8.94
N VAL A 136 1.48 11.37 -8.30
CA VAL A 136 0.16 11.08 -8.80
C VAL A 136 -0.74 12.28 -8.61
N PHE A 137 -0.62 12.84 -7.43
CA PHE A 137 -1.46 13.95 -7.09
C PHE A 137 -1.01 15.15 -7.86
N ASN A 138 0.28 15.32 -8.08
CA ASN A 138 0.69 16.49 -8.85
C ASN A 138 0.34 16.33 -10.30
N SER A 139 0.44 15.15 -10.91
CA SER A 139 0.07 14.99 -12.30
C SER A 139 -1.39 15.35 -12.53
N ALA A 140 -2.19 15.17 -11.47
CA ALA A 140 -3.58 15.54 -11.46
C ALA A 140 -3.79 17.03 -11.29
N GLY A 141 -2.78 17.74 -10.83
CA GLY A 141 -2.82 19.18 -10.63
C GLY A 141 -3.06 19.57 -9.19
N LEU A 142 -3.08 18.61 -8.26
CA LEU A 142 -3.30 18.94 -6.87
C LEU A 142 -1.96 19.13 -6.29
N GLU A 143 -1.92 19.76 -5.15
CA GLU A 143 -0.63 20.01 -4.57
C GLU A 143 -0.62 19.26 -3.28
N VAL A 144 0.61 18.90 -2.94
CA VAL A 144 0.79 17.97 -1.87
C VAL A 144 1.50 18.67 -0.75
N ARG A 145 0.86 18.67 0.39
CA ARG A 145 1.55 19.17 1.55
C ARG A 145 1.84 17.90 2.35
N GLU A 146 2.74 17.94 3.33
CA GLU A 146 3.12 16.78 4.11
C GLU A 146 2.79 17.01 5.56
N TYR A 147 2.41 15.98 6.29
CA TYR A 147 2.18 16.15 7.69
C TYR A 147 3.19 15.25 8.34
N ALA A 148 3.61 15.59 9.54
CA ALA A 148 4.57 14.78 10.26
C ALA A 148 4.00 13.45 10.66
N TYR A 149 4.89 12.51 10.84
CA TYR A 149 4.41 11.18 11.12
C TYR A 149 5.34 10.42 12.02
N TYR A 150 6.57 10.26 11.52
CA TYR A 150 7.57 9.41 12.12
C TYR A 150 8.45 10.13 13.08
N ASP A 151 8.69 9.51 14.19
CA ASP A 151 9.56 10.04 15.21
C ASP A 151 10.88 9.38 14.89
N ALA A 152 11.76 10.07 14.18
CA ALA A 152 13.09 9.61 13.81
C ALA A 152 14.06 9.70 14.96
N GLU A 153 13.64 9.05 16.04
CA GLU A 153 14.34 9.14 17.30
C GLU A 153 13.74 8.00 18.06
N ASN A 154 12.50 8.10 18.52
CA ASN A 154 11.89 7.01 19.24
C ASN A 154 11.41 5.87 18.39
N HIS A 155 11.45 6.03 17.06
CA HIS A 155 10.98 5.03 16.11
C HIS A 155 9.53 4.71 16.37
N THR A 156 8.74 5.77 16.37
CA THR A 156 7.35 5.54 16.57
C THR A 156 6.56 6.61 15.84
N LEU A 157 5.23 6.56 16.05
CA LEU A 157 4.27 7.46 15.45
C LEU A 157 4.32 8.68 16.35
N ASP A 158 4.73 9.81 15.83
CA ASP A 158 4.73 11.01 16.63
C ASP A 158 3.34 11.59 16.51
N PHE A 159 2.47 11.10 17.35
CA PHE A 159 1.09 11.49 17.22
C PHE A 159 0.87 12.98 17.39
N ASP A 160 1.56 13.60 18.35
CA ASP A 160 1.47 15.03 18.56
C ASP A 160 1.89 15.81 17.35
N ALA A 161 3.09 15.56 16.85
CA ALA A 161 3.50 16.32 15.69
C ALA A 161 2.57 16.09 14.50
N LEU A 162 1.91 14.93 14.48
CA LEU A 162 0.98 14.59 13.43
C LEU A 162 -0.23 15.48 13.68
N ILE A 163 -0.98 15.50 14.79
CA ILE A 163 -2.18 16.33 14.77
C ILE A 163 -1.83 17.79 14.69
N ASN A 164 -0.64 18.14 15.17
CA ASN A 164 -0.12 19.48 15.08
C ASN A 164 0.11 19.92 13.65
N SER A 165 0.69 19.15 12.71
CA SER A 165 0.78 19.68 11.36
C SER A 165 -0.56 19.56 10.64
N LEU A 166 -1.40 18.62 11.09
CA LEU A 166 -2.67 18.45 10.43
C LEU A 166 -3.54 19.63 10.67
N ASN A 167 -3.27 20.37 11.75
CA ASN A 167 -4.08 21.56 12.01
C ASN A 167 -3.91 22.68 10.98
N GLU A 168 -2.85 22.71 10.15
CA GLU A 168 -2.74 23.68 9.06
C GLU A 168 -3.62 23.25 7.89
N ALA A 169 -4.08 22.00 7.90
CA ALA A 169 -4.91 21.52 6.85
C ALA A 169 -6.25 22.19 7.09
N GLN A 170 -6.81 22.72 6.03
CA GLN A 170 -8.08 23.41 6.09
C GLN A 170 -9.23 22.44 5.79
N ALA A 171 -10.48 22.90 5.83
CA ALA A 171 -11.61 22.06 5.50
C ALA A 171 -11.69 21.86 4.00
N GLY A 172 -12.01 20.65 3.55
CA GLY A 172 -12.07 20.36 2.14
C GLY A 172 -10.70 20.02 1.57
N ASP A 173 -9.67 19.83 2.41
CA ASP A 173 -8.38 19.35 1.97
C ASP A 173 -8.43 17.85 2.08
N VAL A 174 -7.66 17.14 1.26
CA VAL A 174 -7.71 15.70 1.37
C VAL A 174 -6.55 15.32 2.24
N VAL A 175 -6.73 14.48 3.27
CA VAL A 175 -5.61 13.97 4.00
C VAL A 175 -5.62 12.45 3.70
N LEU A 176 -4.48 12.01 3.19
CA LEU A 176 -4.26 10.65 2.80
C LEU A 176 -3.84 9.85 4.02
N PHE A 177 -4.57 8.83 4.41
CA PHE A 177 -4.03 7.92 5.43
C PHE A 177 -3.69 6.55 4.86
N HIS A 178 -2.59 5.98 5.29
CA HIS A 178 -2.27 4.63 4.90
C HIS A 178 -3.10 3.75 5.80
N GLY A 179 -4.01 2.91 5.32
CA GLY A 179 -4.85 2.09 6.18
C GLY A 179 -4.11 1.10 7.07
N CYS A 180 -3.08 0.39 6.66
CA CYS A 180 -2.32 -0.46 7.54
C CYS A 180 -0.99 -0.65 6.88
N CYS A 181 0.05 -1.12 7.55
CA CYS A 181 1.38 -1.29 6.99
C CYS A 181 1.94 -0.06 6.28
N HIS A 182 2.02 1.04 7.05
CA HIS A 182 2.48 2.35 6.60
C HIS A 182 3.71 2.23 5.77
N ASN A 183 3.67 2.55 4.52
CA ASN A 183 4.90 2.55 3.74
C ASN A 183 5.46 3.98 3.87
N PRO A 184 6.67 4.31 4.30
CA PRO A 184 7.75 3.35 4.51
C PRO A 184 8.07 2.83 5.91
N THR A 185 7.39 3.29 6.94
CA THR A 185 7.87 3.04 8.28
C THR A 185 7.26 1.84 8.95
N GLY A 186 6.26 1.25 8.32
CA GLY A 186 5.51 0.18 8.94
C GLY A 186 4.91 0.59 10.27
N ILE A 187 4.83 1.91 10.55
CA ILE A 187 4.26 2.39 11.81
C ILE A 187 2.83 2.75 11.58
N ASP A 188 1.87 2.20 12.32
CA ASP A 188 0.48 2.48 12.09
C ASP A 188 -0.15 3.02 13.35
N PRO A 189 -1.17 3.87 13.20
CA PRO A 189 -1.97 4.35 14.29
C PRO A 189 -2.60 3.17 14.95
N THR A 190 -2.70 3.24 16.26
CA THR A 190 -3.42 2.22 16.98
C THR A 190 -4.91 2.54 16.82
N LEU A 191 -5.85 1.67 17.19
CA LEU A 191 -7.25 1.98 16.98
C LEU A 191 -7.70 3.22 17.75
N GLU A 192 -7.05 3.50 18.87
CA GLU A 192 -7.39 4.67 19.62
C GLU A 192 -6.92 5.90 18.89
N GLN A 193 -5.74 5.87 18.30
CA GLN A 193 -5.30 6.96 17.45
C GLN A 193 -6.21 7.07 16.27
N TRP A 194 -6.49 6.01 15.51
CA TRP A 194 -7.39 6.08 14.35
C TRP A 194 -8.68 6.74 14.70
N GLN A 195 -9.28 6.35 15.81
CA GLN A 195 -10.51 6.94 16.31
C GLN A 195 -10.37 8.40 16.68
N THR A 196 -9.27 8.89 17.25
CA THR A 196 -9.26 10.33 17.55
C THR A 196 -8.97 11.10 16.27
N LEU A 197 -8.35 10.42 15.31
CA LEU A 197 -8.09 10.94 13.99
C LEU A 197 -9.41 10.99 13.22
N ALA A 198 -10.31 10.02 13.38
CA ALA A 198 -11.62 10.02 12.74
C ALA A 198 -12.41 11.22 13.19
N GLN A 199 -12.38 11.38 14.52
CA GLN A 199 -13.00 12.48 15.23
C GLN A 199 -12.39 13.82 14.79
N LEU A 200 -11.08 14.04 14.78
CA LEU A 200 -10.54 15.31 14.36
C LEU A 200 -10.72 15.55 12.87
N SER A 201 -10.91 14.47 12.09
CA SER A 201 -11.13 14.61 10.68
C SER A 201 -12.51 15.18 10.40
N VAL A 202 -13.54 14.71 11.12
CA VAL A 202 -14.86 15.24 10.91
C VAL A 202 -14.92 16.64 11.53
N GLU A 203 -14.22 16.91 12.63
CA GLU A 203 -14.10 18.24 13.22
C GLU A 203 -13.65 19.33 12.25
N LYS A 204 -12.50 19.12 11.60
CA LYS A 204 -11.86 20.06 10.69
C LYS A 204 -12.27 19.99 9.23
N GLY A 205 -13.16 19.04 8.93
CA GLY A 205 -13.68 18.84 7.60
C GLY A 205 -12.62 18.30 6.66
N TRP A 206 -11.84 17.31 7.05
CA TRP A 206 -10.81 16.73 6.20
C TRP A 206 -11.53 15.81 5.21
N LEU A 207 -11.09 15.53 3.96
CA LEU A 207 -11.70 14.49 3.12
C LEU A 207 -10.70 13.35 3.26
N PRO A 208 -10.95 12.22 3.93
CA PRO A 208 -9.98 11.14 4.03
C PRO A 208 -9.77 10.44 2.70
N LEU A 209 -8.53 10.11 2.36
CA LEU A 209 -8.32 9.24 1.22
C LEU A 209 -7.55 8.09 1.84
N PHE A 210 -8.03 6.85 1.96
CA PHE A 210 -7.20 5.75 2.44
C PHE A 210 -6.45 5.05 1.32
N ALA A 211 -5.16 4.89 1.51
CA ALA A 211 -4.38 4.23 0.54
C ALA A 211 -4.32 2.91 1.28
N PHE A 212 -4.83 1.83 0.69
CA PHE A 212 -4.92 0.59 1.38
C PHE A 212 -4.24 -0.44 0.53
N ALA A 213 -2.94 -0.57 0.61
CA ALA A 213 -2.25 -1.49 -0.24
C ALA A 213 -1.89 -2.83 0.36
N TYR A 214 -2.10 -3.07 1.65
CA TYR A 214 -1.51 -4.22 2.28
C TYR A 214 -2.49 -4.80 3.27
N GLN A 215 -3.74 -4.88 2.88
CA GLN A 215 -4.75 -5.41 3.75
C GLN A 215 -4.42 -6.85 3.95
N GLY A 216 -4.24 -7.20 5.20
CA GLY A 216 -3.97 -8.58 5.49
C GLY A 216 -2.54 -8.74 5.92
N PHE A 217 -1.65 -7.77 5.74
CA PHE A 217 -0.27 -7.92 6.17
C PHE A 217 0.17 -7.53 7.57
N ALA A 218 -0.65 -6.78 8.33
CA ALA A 218 -0.28 -6.28 9.63
C ALA A 218 -0.77 -7.29 10.63
N ARG A 219 -2.06 -7.56 10.76
CA ARG A 219 -2.60 -8.50 11.75
C ARG A 219 -3.53 -9.51 11.18
N GLY A 220 -4.39 -9.07 10.29
CA GLY A 220 -5.26 -9.97 9.58
C GLY A 220 -6.13 -9.14 8.67
N LEU A 221 -7.04 -9.69 7.89
CA LEU A 221 -7.84 -8.96 6.94
C LEU A 221 -8.77 -7.98 7.62
N GLU A 222 -9.56 -8.38 8.60
CA GLU A 222 -10.48 -7.45 9.23
C GLU A 222 -9.79 -6.43 10.15
N GLU A 223 -8.75 -6.92 10.82
CA GLU A 223 -8.08 -6.10 11.79
C GLU A 223 -7.48 -4.92 11.08
N ASP A 224 -6.91 -5.19 9.93
CA ASP A 224 -6.27 -4.17 9.19
C ASP A 224 -7.26 -3.18 8.69
N ALA A 225 -8.55 -3.46 8.62
CA ALA A 225 -9.47 -2.51 8.08
C ALA A 225 -10.15 -1.72 9.17
N GLU A 226 -9.85 -2.06 10.41
CA GLU A 226 -10.40 -1.41 11.57
C GLU A 226 -10.16 0.11 11.63
N GLY A 227 -9.10 0.70 11.04
CA GLY A 227 -8.86 2.15 11.03
C GLY A 227 -9.79 2.86 10.07
N LEU A 228 -9.83 2.34 8.87
CA LEU A 228 -10.76 2.79 7.85
C LEU A 228 -12.17 2.66 8.33
N ARG A 229 -12.46 1.60 9.02
CA ARG A 229 -13.81 1.43 9.54
C ARG A 229 -14.10 2.42 10.67
N ALA A 230 -13.12 2.81 11.49
CA ALA A 230 -13.36 3.82 12.51
C ALA A 230 -13.70 5.14 11.79
N PHE A 231 -12.99 5.46 10.69
CA PHE A 231 -13.27 6.64 9.89
C PHE A 231 -14.61 6.59 9.17
N ALA A 232 -14.89 5.49 8.51
CA ALA A 232 -16.09 5.32 7.70
C ALA A 232 -17.40 5.44 8.46
N ALA A 233 -17.36 5.01 9.72
CA ALA A 233 -18.49 5.06 10.62
C ALA A 233 -18.82 6.49 10.95
N MET A 234 -17.81 7.34 10.96
CA MET A 234 -17.99 8.75 11.23
C MET A 234 -18.04 9.68 10.01
N HIS A 235 -17.75 9.25 8.79
CA HIS A 235 -17.66 10.18 7.70
C HIS A 235 -18.81 9.98 6.80
N LYS A 236 -19.21 11.10 6.24
CA LYS A 236 -20.23 11.12 5.23
C LYS A 236 -19.52 10.76 3.94
N GLU A 237 -18.28 11.20 3.76
CA GLU A 237 -17.52 10.93 2.55
C GLU A 237 -16.12 10.53 2.91
N LEU A 238 -15.61 9.68 2.03
CA LEU A 238 -14.25 9.21 2.06
C LEU A 238 -14.01 8.45 0.79
N ILE A 239 -12.75 8.34 0.42
CA ILE A 239 -12.37 7.62 -0.76
C ILE A 239 -11.35 6.61 -0.28
N VAL A 240 -11.37 5.38 -0.83
CA VAL A 240 -10.30 4.44 -0.50
C VAL A 240 -9.83 3.82 -1.81
N ALA A 241 -8.53 3.87 -1.96
CA ALA A 241 -7.78 3.34 -3.05
C ALA A 241 -7.15 2.01 -2.54
N SER A 242 -7.60 0.83 -2.97
CA SER A 242 -6.98 -0.39 -2.54
C SER A 242 -6.37 -1.13 -3.70
N SER A 243 -5.43 -1.94 -3.29
CA SER A 243 -4.65 -2.73 -4.21
C SER A 243 -4.73 -4.19 -3.77
N TYR A 244 -4.67 -5.08 -4.76
CA TYR A 244 -4.58 -6.52 -4.55
C TYR A 244 -3.23 -6.98 -5.04
N SER A 245 -2.32 -6.07 -5.37
CA SER A 245 -1.05 -6.46 -5.83
C SER A 245 -0.26 -7.27 -4.82
N LYS A 246 -0.02 -6.94 -3.55
CA LYS A 246 0.87 -7.75 -2.72
C LYS A 246 0.20 -9.00 -2.20
N ASN A 247 -0.97 -8.77 -1.66
CA ASN A 247 -1.82 -9.74 -0.95
C ASN A 247 -2.50 -10.82 -1.74
N PHE A 248 -2.57 -10.68 -3.05
CA PHE A 248 -2.98 -11.78 -3.88
C PHE A 248 -1.78 -12.10 -4.74
N GLY A 249 -0.62 -11.43 -4.55
CA GLY A 249 0.58 -11.56 -5.35
C GLY A 249 0.37 -11.34 -6.84
N LEU A 250 -0.50 -10.41 -7.16
CA LEU A 250 -0.92 -10.14 -8.53
C LEU A 250 -0.33 -8.81 -8.98
N TYR A 251 0.93 -8.48 -8.66
CA TYR A 251 1.56 -7.22 -8.94
C TYR A 251 1.31 -6.77 -10.37
N ASN A 252 1.69 -7.61 -11.35
CA ASN A 252 1.69 -7.16 -12.74
C ASN A 252 0.39 -7.30 -13.47
N GLU A 253 -0.70 -7.62 -12.76
CA GLU A 253 -1.97 -7.72 -13.45
C GLU A 253 -2.80 -6.50 -13.16
N ARG A 254 -2.25 -5.63 -12.31
CA ARG A 254 -2.77 -4.30 -12.07
C ARG A 254 -4.14 -4.38 -11.56
N VAL A 255 -4.21 -4.82 -10.29
CA VAL A 255 -5.55 -5.04 -9.76
C VAL A 255 -5.76 -4.25 -8.49
N GLY A 256 -6.77 -3.40 -8.52
CA GLY A 256 -6.98 -2.47 -7.43
C GLY A 256 -8.36 -1.89 -7.56
N ALA A 257 -8.77 -1.04 -6.65
CA ALA A 257 -10.12 -0.51 -6.66
C ALA A 257 -10.09 0.93 -6.12
N CYS A 258 -10.99 1.81 -6.53
CA CYS A 258 -11.11 3.15 -6.00
C CYS A 258 -12.55 3.14 -5.51
N THR A 259 -12.81 3.28 -4.21
CA THR A 259 -14.14 3.27 -3.69
C THR A 259 -14.43 4.69 -3.19
N LEU A 260 -15.63 5.16 -3.54
CA LEU A 260 -16.23 6.43 -3.18
C LEU A 260 -17.30 6.19 -2.16
N VAL A 261 -17.25 6.81 -1.00
CA VAL A 261 -18.40 6.75 -0.13
C VAL A 261 -18.97 8.17 -0.22
N ALA A 262 -20.29 8.35 -0.21
CA ALA A 262 -20.88 9.67 -0.20
C ALA A 262 -22.02 9.52 0.78
N ALA A 263 -22.74 10.58 1.13
CA ALA A 263 -23.74 10.50 2.18
C ALA A 263 -24.86 9.51 2.02
N ASP A 264 -25.22 9.35 0.75
CA ASP A 264 -26.33 8.50 0.37
C ASP A 264 -26.07 8.04 -1.04
N SER A 265 -26.86 7.08 -1.47
CA SER A 265 -26.72 6.53 -2.78
C SER A 265 -26.89 7.50 -3.89
N GLU A 266 -27.86 8.39 -3.80
CA GLU A 266 -28.11 9.38 -4.85
C GLU A 266 -26.85 10.21 -5.08
N THR A 267 -26.22 10.66 -4.01
CA THR A 267 -25.01 11.41 -4.20
C THR A 267 -23.89 10.48 -4.63
N VAL A 268 -23.73 9.26 -4.07
CA VAL A 268 -22.58 8.45 -4.46
C VAL A 268 -22.66 8.12 -5.93
N ASP A 269 -23.85 7.93 -6.50
CA ASP A 269 -24.01 7.62 -7.91
C ASP A 269 -23.66 8.78 -8.82
N ARG A 270 -23.92 9.99 -8.36
CA ARG A 270 -23.69 11.15 -9.18
C ARG A 270 -22.23 11.52 -9.16
N ALA A 271 -21.52 11.38 -8.03
CA ALA A 271 -20.09 11.59 -8.03
C ALA A 271 -19.45 10.44 -8.82
N PHE A 272 -19.85 9.15 -8.62
CA PHE A 272 -19.31 8.01 -9.35
C PHE A 272 -19.42 8.18 -10.86
N SER A 273 -20.51 8.72 -11.41
CA SER A 273 -20.55 9.00 -12.84
C SER A 273 -19.36 9.87 -13.32
N GLN A 274 -18.93 10.86 -12.50
CA GLN A 274 -17.82 11.68 -12.87
C GLN A 274 -16.58 10.89 -12.60
N MET A 275 -16.55 9.96 -11.64
CA MET A 275 -15.35 9.12 -11.52
C MET A 275 -15.27 8.21 -12.73
N LYS A 276 -16.39 7.81 -13.32
CA LYS A 276 -16.39 7.00 -14.51
C LYS A 276 -15.91 7.79 -15.69
N ALA A 277 -16.34 9.04 -15.81
CA ALA A 277 -15.86 9.93 -16.86
C ALA A 277 -14.34 10.04 -16.82
N ALA A 278 -13.75 10.25 -15.64
CA ALA A 278 -12.30 10.32 -15.45
C ALA A 278 -11.59 9.05 -15.92
N ILE A 279 -12.12 7.87 -15.59
CA ILE A 279 -11.59 6.60 -16.08
C ILE A 279 -11.70 6.50 -17.60
N ARG A 280 -12.82 6.90 -18.19
CA ARG A 280 -13.04 6.91 -19.63
C ARG A 280 -11.97 7.67 -20.40
N ALA A 281 -11.63 8.81 -19.87
CA ALA A 281 -10.63 9.66 -20.50
C ALA A 281 -9.23 9.22 -20.13
N ASN A 282 -9.11 8.21 -19.26
CA ASN A 282 -7.80 7.75 -18.89
C ASN A 282 -7.64 6.44 -19.62
N TYR A 283 -8.15 5.28 -19.21
CA TYR A 283 -7.79 4.06 -19.93
C TYR A 283 -9.01 3.31 -20.41
N SER A 284 -10.13 4.02 -20.32
CA SER A 284 -11.42 3.59 -20.78
C SER A 284 -12.03 2.55 -19.91
N ASN A 285 -11.48 1.38 -19.58
CA ASN A 285 -12.20 0.38 -18.78
C ASN A 285 -11.09 -0.54 -18.31
N PRO A 286 -11.23 -1.29 -17.22
CA PRO A 286 -10.04 -1.79 -16.56
C PRO A 286 -9.60 -3.17 -17.07
N PRO A 287 -8.39 -3.66 -16.83
CA PRO A 287 -7.96 -5.03 -17.16
C PRO A 287 -8.73 -6.17 -16.45
N ALA A 288 -9.30 -7.06 -17.20
CA ALA A 288 -10.15 -8.02 -16.57
C ALA A 288 -9.42 -9.12 -15.87
N HIS A 289 -8.25 -9.54 -16.25
CA HIS A 289 -7.69 -10.77 -15.73
C HIS A 289 -7.40 -10.87 -14.23
N GLY A 290 -6.58 -9.98 -13.69
CA GLY A 290 -6.20 -10.07 -12.32
C GLY A 290 -7.43 -9.83 -11.52
N ALA A 291 -8.27 -8.88 -11.89
CA ALA A 291 -9.50 -8.70 -11.16
C ALA A 291 -10.47 -9.86 -11.26
N SER A 292 -10.46 -10.55 -12.38
CA SER A 292 -11.31 -11.71 -12.57
C SER A 292 -10.81 -12.83 -11.70
N VAL A 293 -9.50 -12.94 -11.58
CA VAL A 293 -8.94 -13.88 -10.63
C VAL A 293 -9.38 -13.44 -9.21
N VAL A 294 -9.23 -12.20 -8.69
CA VAL A 294 -9.65 -11.84 -7.33
C VAL A 294 -11.12 -12.12 -7.09
N ALA A 295 -12.02 -11.80 -8.03
CA ALA A 295 -13.43 -12.01 -7.84
C ALA A 295 -13.67 -13.51 -7.82
N THR A 296 -13.07 -14.42 -8.59
CA THR A 296 -13.49 -15.78 -8.39
C THR A 296 -12.81 -16.35 -7.15
N ILE A 297 -11.61 -16.02 -6.65
CA ILE A 297 -11.12 -16.50 -5.37
C ILE A 297 -12.06 -16.06 -4.29
N LEU A 298 -12.26 -14.77 -4.12
CA LEU A 298 -13.10 -14.26 -3.09
C LEU A 298 -14.54 -14.72 -3.06
N SER A 299 -15.12 -15.13 -4.17
CA SER A 299 -16.48 -15.60 -4.13
C SER A 299 -16.56 -17.14 -4.07
N ASN A 300 -15.48 -17.89 -3.86
CA ASN A 300 -15.57 -19.35 -3.85
C ASN A 300 -15.05 -19.67 -2.50
N ASP A 301 -15.73 -20.48 -1.71
CA ASP A 301 -15.26 -20.76 -0.36
C ASP A 301 -14.01 -21.59 -0.29
N ALA A 302 -13.88 -22.55 -1.18
CA ALA A 302 -12.74 -23.43 -1.22
C ALA A 302 -11.56 -22.57 -1.52
N LEU A 303 -11.59 -21.88 -2.66
CA LEU A 303 -10.53 -20.97 -3.05
C LEU A 303 -10.29 -19.82 -2.08
N ARG A 304 -11.28 -19.19 -1.47
CA ARG A 304 -10.94 -18.10 -0.61
C ARG A 304 -10.28 -18.66 0.62
N ALA A 305 -10.47 -19.92 1.01
CA ALA A 305 -9.80 -20.46 2.22
C ALA A 305 -8.36 -20.76 2.00
N ILE A 306 -8.11 -21.21 0.80
CA ILE A 306 -6.76 -21.45 0.41
C ILE A 306 -6.07 -20.09 0.31
N TRP A 307 -6.61 -19.05 -0.36
CA TRP A 307 -6.00 -17.72 -0.41
C TRP A 307 -5.68 -17.16 1.00
N GLU A 308 -6.65 -17.08 1.88
CA GLU A 308 -6.46 -16.66 3.24
C GLU A 308 -5.30 -17.32 3.89
N GLN A 309 -5.21 -18.63 3.79
CA GLN A 309 -4.12 -19.32 4.34
C GLN A 309 -2.83 -18.90 3.68
N GLU A 310 -2.82 -18.68 2.36
CA GLU A 310 -1.58 -18.26 1.70
C GLU A 310 -1.18 -16.87 2.12
N LEU A 311 -2.15 -16.00 2.43
CA LEU A 311 -1.88 -14.64 2.90
C LEU A 311 -1.44 -14.72 4.33
N THR A 312 -2.03 -15.54 5.22
CA THR A 312 -1.54 -15.50 6.58
C THR A 312 -0.16 -16.11 6.59
N ASP A 313 0.23 -17.01 5.69
CA ASP A 313 1.60 -17.49 5.66
C ASP A 313 2.53 -16.41 5.23
N MET A 314 2.17 -15.60 4.24
CA MET A 314 2.99 -14.46 3.88
C MET A 314 3.21 -13.54 5.07
N ARG A 315 2.09 -13.24 5.69
CA ARG A 315 2.11 -12.33 6.80
C ARG A 315 2.98 -12.90 7.91
N GLN A 316 2.86 -14.18 8.28
CA GLN A 316 3.69 -14.79 9.31
C GLN A 316 5.13 -14.91 8.89
N ARG A 317 5.44 -15.15 7.62
CA ARG A 317 6.82 -15.16 7.22
C ARG A 317 7.41 -13.79 7.46
N ILE A 318 6.73 -12.71 7.09
CA ILE A 318 7.31 -11.42 7.39
C ILE A 318 7.37 -11.28 8.90
N GLN A 319 6.41 -11.71 9.70
CA GLN A 319 6.57 -11.58 11.14
C GLN A 319 7.69 -12.44 11.69
N ARG A 320 8.06 -13.64 11.17
CA ARG A 320 9.22 -14.33 11.70
C ARG A 320 10.44 -13.54 11.34
N MET A 321 10.55 -12.97 10.12
CA MET A 321 11.77 -12.28 9.73
C MET A 321 11.99 -10.99 10.52
N ARG A 322 11.00 -10.21 10.96
CA ARG A 322 11.25 -9.02 11.76
C ARG A 322 11.92 -9.46 13.06
N GLN A 323 11.43 -10.54 13.70
CA GLN A 323 12.02 -11.15 14.89
C GLN A 323 13.38 -11.75 14.68
N LEU A 324 13.56 -12.54 13.63
CA LEU A 324 14.83 -13.15 13.36
C LEU A 324 15.80 -12.05 12.99
N PHE A 325 15.36 -10.89 12.48
CA PHE A 325 16.29 -9.82 12.13
C PHE A 325 16.74 -9.27 13.46
N VAL A 326 15.82 -8.93 14.35
CA VAL A 326 16.23 -8.38 15.62
C VAL A 326 17.16 -9.31 16.36
N ASN A 327 16.90 -10.61 16.45
CA ASN A 327 17.79 -11.52 17.17
C ASN A 327 19.13 -11.64 16.48
N THR A 328 19.24 -11.95 15.18
CA THR A 328 20.55 -12.10 14.57
C THR A 328 21.31 -10.79 14.65
N LEU A 329 20.68 -9.62 14.79
CA LEU A 329 21.44 -8.40 15.00
C LEU A 329 21.85 -8.46 16.44
N GLN A 330 21.02 -8.73 17.44
CA GLN A 330 21.40 -8.71 18.84
C GLN A 330 22.21 -9.92 19.31
N GLU A 331 22.99 -10.48 18.39
CA GLU A 331 23.73 -11.70 18.56
C GLU A 331 24.84 -11.59 17.56
N LYS A 332 24.75 -10.97 16.38
CA LYS A 332 25.98 -10.73 15.65
C LYS A 332 26.75 -9.60 16.30
N GLY A 333 26.06 -8.93 17.23
CA GLY A 333 26.69 -8.14 18.25
C GLY A 333 26.99 -6.67 18.07
N ALA A 334 26.01 -5.83 18.32
CA ALA A 334 26.23 -4.39 18.39
C ALA A 334 25.18 -3.86 19.33
N ASN A 335 25.19 -2.57 19.56
CA ASN A 335 24.24 -2.03 20.50
C ASN A 335 23.43 -1.09 19.68
N ARG A 336 22.17 -1.28 20.06
CA ARG A 336 21.00 -0.72 19.43
C ARG A 336 19.86 -1.34 20.23
N ASP A 337 18.68 -0.83 19.93
CA ASP A 337 17.46 -1.51 20.26
C ASP A 337 17.06 -1.57 18.78
N PHE A 338 16.97 -2.77 18.22
CA PHE A 338 16.29 -2.88 16.96
C PHE A 338 14.89 -3.34 17.25
N SER A 339 14.51 -3.50 18.51
CA SER A 339 13.20 -3.95 18.93
C SER A 339 12.11 -3.15 18.25
N PHE A 340 12.34 -1.90 17.86
CA PHE A 340 11.25 -1.20 17.20
C PHE A 340 10.86 -1.94 15.91
N ILE A 341 11.76 -2.69 15.23
CA ILE A 341 11.51 -3.50 14.04
C ILE A 341 10.36 -4.47 14.33
N ILE A 342 10.27 -5.07 15.50
CA ILE A 342 9.20 -6.00 15.81
C ILE A 342 7.82 -5.37 15.95
N LYS A 343 7.76 -4.10 16.37
CA LYS A 343 6.54 -3.32 16.58
C LYS A 343 5.86 -2.92 15.29
N GLN A 344 6.67 -2.79 14.22
CA GLN A 344 6.19 -2.28 12.96
C GLN A 344 5.60 -3.38 12.11
N ASN A 345 4.69 -3.02 11.20
CA ASN A 345 3.92 -3.96 10.44
C ASN A 345 4.15 -3.92 8.96
N GLY A 346 4.07 -5.08 8.31
CA GLY A 346 4.13 -5.16 6.87
C GLY A 346 5.54 -5.41 6.42
N MET A 347 5.88 -5.21 5.16
CA MET A 347 7.20 -5.54 4.68
C MET A 347 8.32 -4.54 4.93
N PHE A 348 7.99 -3.29 5.28
CA PHE A 348 8.97 -2.21 5.41
C PHE A 348 9.10 -1.58 6.76
N SER A 349 10.33 -1.18 6.99
CA SER A 349 10.60 -0.34 8.12
C SER A 349 11.89 0.37 7.87
N PHE A 350 12.01 1.53 8.50
CA PHE A 350 13.27 2.21 8.44
C PHE A 350 14.15 1.54 9.46
N SER A 351 15.29 1.03 9.06
CA SER A 351 16.23 0.44 9.98
C SER A 351 16.91 1.53 10.81
N GLY A 352 16.86 2.78 10.36
CA GLY A 352 17.51 3.85 11.07
C GLY A 352 18.98 3.92 10.67
N LEU A 353 19.28 3.44 9.49
CA LEU A 353 20.59 3.54 8.94
C LEU A 353 20.70 4.85 8.17
N THR A 354 21.91 5.44 8.21
CA THR A 354 22.15 6.70 7.52
C THR A 354 22.42 6.45 6.05
N LYS A 355 22.24 7.44 5.14
CA LYS A 355 22.71 7.26 3.77
C LYS A 355 24.20 6.87 3.74
N GLU A 356 25.08 7.48 4.57
CA GLU A 356 26.51 7.16 4.58
C GLU A 356 26.54 5.67 4.94
N GLN A 357 25.70 5.15 5.85
CA GLN A 357 25.68 3.73 6.18
C GLN A 357 25.05 2.86 5.12
N VAL A 358 23.94 3.18 4.45
CA VAL A 358 23.35 2.24 3.55
C VAL A 358 24.24 2.18 2.32
N LEU A 359 24.94 3.26 2.01
CA LEU A 359 25.86 3.29 0.90
C LEU A 359 27.00 2.40 1.26
N ARG A 360 27.50 2.49 2.45
CA ARG A 360 28.55 1.62 2.89
C ARG A 360 28.16 0.16 2.77
N LEU A 361 26.95 -0.13 3.21
CA LEU A 361 26.32 -1.45 3.18
C LEU A 361 26.37 -2.03 1.76
N ARG A 362 25.98 -1.17 0.84
CA ARG A 362 25.93 -1.47 -0.57
C ARG A 362 27.31 -1.63 -1.20
N GLU A 363 28.31 -0.78 -0.95
CA GLU A 363 29.64 -0.87 -1.57
C GLU A 363 30.41 -2.01 -0.95
N GLU A 364 30.57 -2.02 0.37
CA GLU A 364 31.37 -3.01 1.05
C GLU A 364 30.82 -4.42 1.25
N PHE A 365 29.50 -4.55 1.34
CA PHE A 365 28.92 -5.86 1.59
C PHE A 365 27.97 -6.31 0.50
N GLY A 366 27.52 -5.40 -0.37
CA GLY A 366 26.57 -5.75 -1.39
C GLY A 366 25.19 -5.93 -0.79
N VAL A 367 24.80 -5.27 0.33
CA VAL A 367 23.45 -5.34 0.85
C VAL A 367 22.81 -4.11 0.22
N TYR A 368 21.69 -4.23 -0.48
CA TYR A 368 21.11 -3.10 -1.18
C TYR A 368 19.91 -2.62 -0.43
N ALA A 369 19.85 -1.42 0.13
CA ALA A 369 18.63 -0.96 0.80
C ALA A 369 18.32 0.40 0.23
N VAL A 370 17.12 0.94 0.38
CA VAL A 370 16.81 2.28 -0.15
C VAL A 370 17.55 3.31 0.73
N ALA A 371 18.07 4.42 0.15
CA ALA A 371 18.79 5.48 0.86
C ALA A 371 18.17 5.97 2.16
N SER A 372 16.83 5.82 2.31
CA SER A 372 16.17 6.13 3.56
C SER A 372 16.42 5.12 4.70
N GLY A 373 17.15 4.03 4.48
CA GLY A 373 17.31 2.99 5.44
C GLY A 373 16.08 2.10 5.39
N ARG A 374 15.18 2.27 4.45
CA ARG A 374 14.03 1.41 4.38
C ARG A 374 14.50 0.04 3.90
N VAL A 375 14.13 -0.97 4.65
CA VAL A 375 14.64 -2.30 4.39
C VAL A 375 13.34 -3.09 4.10
N ASN A 376 13.30 -3.99 3.13
CA ASN A 376 12.13 -4.79 2.93
C ASN A 376 12.41 -6.07 3.65
N VAL A 377 11.76 -6.30 4.75
CA VAL A 377 11.94 -7.52 5.51
C VAL A 377 11.71 -8.81 4.68
N ALA A 378 10.75 -8.87 3.75
CA ALA A 378 10.57 -10.06 2.90
C ALA A 378 11.77 -10.40 2.03
N GLY A 379 12.81 -9.60 1.87
CA GLY A 379 13.96 -9.98 1.07
C GLY A 379 14.96 -10.67 1.97
N MET A 380 14.62 -10.85 3.24
CA MET A 380 15.44 -11.55 4.22
C MET A 380 14.95 -13.00 4.28
N THR A 381 15.82 -14.01 4.27
CA THR A 381 15.43 -15.41 4.40
C THR A 381 16.27 -15.94 5.55
N PRO A 382 16.00 -17.06 6.19
CA PRO A 382 16.78 -17.49 7.33
C PRO A 382 18.19 -17.77 6.89
N ASP A 383 18.36 -18.07 5.61
CA ASP A 383 19.69 -18.24 5.06
C ASP A 383 20.43 -16.93 4.93
N ASN A 384 19.85 -15.80 4.48
CA ASN A 384 20.72 -14.63 4.36
C ASN A 384 20.72 -13.73 5.57
N MET A 385 19.96 -14.10 6.59
CA MET A 385 19.90 -13.31 7.77
C MET A 385 21.26 -13.12 8.44
N ALA A 386 22.23 -14.02 8.35
CA ALA A 386 23.45 -13.78 9.09
C ALA A 386 24.47 -12.99 8.29
N PRO A 387 24.77 -13.12 7.00
CA PRO A 387 25.56 -12.14 6.26
C PRO A 387 25.02 -10.74 6.37
N LEU A 388 23.71 -10.56 6.22
CA LEU A 388 23.00 -9.30 6.36
C LEU A 388 23.21 -8.74 7.77
N CYS A 389 22.86 -9.39 8.88
CA CYS A 389 23.18 -8.86 10.19
C CYS A 389 24.65 -8.51 10.43
N GLU A 390 25.57 -9.37 10.01
CA GLU A 390 27.01 -9.12 10.04
C GLU A 390 27.33 -7.79 9.41
N ALA A 391 26.88 -7.62 8.18
CA ALA A 391 27.12 -6.41 7.44
C ALA A 391 26.61 -5.19 8.20
N ILE A 392 25.38 -5.26 8.72
CA ILE A 392 24.79 -4.13 9.40
C ILE A 392 25.62 -3.89 10.65
N VAL A 393 26.03 -4.91 11.40
CA VAL A 393 26.90 -4.75 12.55
C VAL A 393 28.17 -4.03 12.21
N ALA A 394 28.89 -4.55 11.24
CA ALA A 394 30.08 -3.90 10.75
C ALA A 394 29.93 -2.47 10.25
N VAL A 395 28.76 -1.82 10.13
CA VAL A 395 28.70 -0.44 9.65
C VAL A 395 28.01 0.50 10.64
N LEU A 396 27.74 -0.01 11.81
CA LEU A 396 27.01 0.71 12.80
C LEU A 396 27.86 1.73 13.55
N1 NPL B . -0.84 2.26 -2.80
C1 NPL B . -2.25 2.78 -2.74
C2 NPL B . 0.08 2.52 -1.79
C2A NPL B . -0.29 3.23 -0.54
C3 NPL B . 1.36 2.01 -1.85
O3 NPL B . 2.27 2.34 -0.84
C4 NPL B . 1.72 1.21 -2.94
C4A NPL B . 3.10 0.55 -3.02
N4 NPL B . 4.14 1.00 -2.27
C5 NPL B . 0.78 0.96 -3.95
C5A NPL B . 1.14 0.06 -5.14
O4P NPL B . -0.07 -0.50 -5.64
P NPL B . -0.10 -1.03 -7.07
O1P NPL B . -0.16 0.04 -8.08
O2P NPL B . -1.28 -1.84 -6.88
O3P NPL B . 1.20 -1.82 -7.26
C6 NPL B . -0.50 1.49 -3.87
#